data_6D28
#
_entry.id   6D28
#
_cell.length_a   89.200
_cell.length_b   99.180
_cell.length_c   63.071
_cell.angle_alpha   90.000
_cell.angle_beta   90.000
_cell.angle_gamma   90.000
#
_symmetry.space_group_name_H-M   'C 2 2 21'
#
loop_
_entity.id
_entity.type
_entity.pdbx_description
1 polymer Endoplasmin
2 non-polymer "N-ETHYL-5'-CARBOXAMIDO ADENOSINE"
3 non-polymer 1-METHOXY-2-(2-METHOXYETHOXY)ETHANE
4 water water
#
_entity_poly.entity_id   1
_entity_poly.type   'polypeptide(L)'
_entity_poly.pdbx_seq_one_letter_code
;GSHMLREKSEKFAFQAEVNRMMKLIINSLYKNKEIFLRELISNASDALDKIRLISLTDENALAGNEELTVKIKCDKEKNL
LHVTDTGVGMTREELVKNLGTIAKSGTSEFLNKMTEAQEDGQSTSELIGQFGVGFYSAFLVADKVIVTSKHNNDTQHIWE
SDSNEFSVIADPRGNTLGRGTTITLVLKEEASDYLELDTIKNLVKKYSQFINFPIYVWSSKTETVEEPMEEEEAAKEEKE
DSDDEAAVEEEEEEKKPKTKKVEKTVWDWELMN
;
_entity_poly.pdbx_strand_id   A
#
# COMPACT_ATOMS: atom_id res chain seq x y z
N LYS A 8 4.63 1.52 -24.22
CA LYS A 8 3.48 1.97 -23.44
C LYS A 8 3.17 1.03 -22.27
N SER A 9 3.28 -0.28 -22.52
CA SER A 9 2.89 -1.30 -21.57
C SER A 9 4.01 -2.34 -21.48
N GLU A 10 4.08 -3.03 -20.35
CA GLU A 10 5.10 -4.07 -20.22
C GLU A 10 4.71 -5.06 -19.14
N LYS A 11 4.91 -6.34 -19.45
CA LYS A 11 4.55 -7.43 -18.56
C LYS A 11 5.82 -8.01 -17.92
N PHE A 12 5.69 -8.46 -16.69
CA PHE A 12 6.82 -8.98 -15.93
C PHE A 12 6.36 -10.18 -15.12
N ALA A 13 7.27 -11.13 -14.95
CA ALA A 13 7.13 -12.14 -13.91
C ALA A 13 7.75 -11.63 -12.63
N PHE A 14 7.22 -12.10 -11.49
CA PHE A 14 7.86 -11.84 -10.21
C PHE A 14 9.16 -12.65 -10.10
N GLN A 15 10.15 -12.10 -9.42
CA GLN A 15 11.31 -12.90 -9.05
C GLN A 15 10.88 -14.09 -8.19
N ALA A 16 11.58 -15.22 -8.32
CA ALA A 16 11.20 -16.44 -7.60
C ALA A 16 11.08 -16.18 -6.09
N GLU A 17 12.06 -15.46 -5.53
CA GLU A 17 12.04 -15.21 -4.10
C GLU A 17 10.83 -14.38 -3.70
N VAL A 18 10.34 -13.52 -4.59
CA VAL A 18 9.16 -12.74 -4.25
C VAL A 18 7.93 -13.67 -4.23
N ASN A 19 7.81 -14.59 -5.20
CA ASN A 19 6.74 -15.59 -5.11
C ASN A 19 6.79 -16.33 -3.79
N ARG A 20 7.99 -16.78 -3.38
CA ARG A 20 8.11 -17.49 -2.11
C ARG A 20 7.73 -16.60 -0.93
N MET A 21 8.20 -15.34 -0.95
CA MET A 21 7.87 -14.40 0.12
C MET A 21 6.36 -14.16 0.21
N MET A 22 5.71 -14.00 -0.94
CA MET A 22 4.27 -13.81 -0.92
C MET A 22 3.58 -14.96 -0.22
N LYS A 23 3.94 -16.19 -0.58
CA LYS A 23 3.33 -17.36 0.07
C LYS A 23 3.59 -17.40 1.58
N LEU A 24 4.82 -17.07 2.01
CA LEU A 24 5.13 -17.06 3.45
C LEU A 24 4.26 -16.06 4.19
N ILE A 25 4.13 -14.86 3.62
CA ILE A 25 3.34 -13.79 4.24
C ILE A 25 1.88 -14.18 4.29
N ILE A 26 1.37 -14.71 3.19
CA ILE A 26 -0.04 -15.11 3.19
C ILE A 26 -0.28 -16.18 4.24
N ASN A 27 0.62 -17.19 4.33
CA ASN A 27 0.47 -18.24 5.35
C ASN A 27 0.52 -17.68 6.77
N SER A 28 1.47 -16.77 7.03
CA SER A 28 1.62 -16.17 8.35
C SER A 28 0.36 -15.48 8.82
N LEU A 29 -0.28 -14.71 7.92
CA LEU A 29 -1.36 -13.82 8.29
C LEU A 29 -2.75 -14.33 7.89
N TYR A 30 -2.85 -15.57 7.43
CA TYR A 30 -4.09 -16.13 6.88
C TYR A 30 -5.28 -15.98 7.82
N LYS A 31 -5.05 -16.07 9.14
CA LYS A 31 -6.13 -15.93 10.12
C LYS A 31 -6.20 -14.55 10.74
N ASN A 32 -5.43 -13.60 10.25
CA ASN A 32 -5.43 -12.22 10.76
C ASN A 32 -5.36 -11.29 9.56
N LYS A 33 -6.32 -11.44 8.63
CA LYS A 33 -6.14 -10.82 7.33
C LYS A 33 -6.18 -9.31 7.43
N GLU A 34 -6.87 -8.75 8.46
CA GLU A 34 -6.98 -7.31 8.60
C GLU A 34 -5.62 -6.63 8.73
N ILE A 35 -4.57 -7.39 9.05
CA ILE A 35 -3.25 -6.77 9.15
C ILE A 35 -2.80 -6.17 7.81
N PHE A 36 -3.40 -6.59 6.69
CA PHE A 36 -3.04 -5.96 5.42
C PHE A 36 -3.20 -4.45 5.52
N LEU A 37 -4.24 -3.97 6.21
CA LEU A 37 -4.48 -2.52 6.21
C LEU A 37 -3.47 -1.81 7.10
N ARG A 38 -3.07 -2.48 8.19
CA ARG A 38 -1.98 -1.93 9.01
C ARG A 38 -0.75 -1.69 8.16
N GLU A 39 -0.42 -2.65 7.31
CA GLU A 39 0.84 -2.57 6.54
C GLU A 39 0.75 -1.56 5.41
N LEU A 40 -0.41 -1.46 4.72
CA LEU A 40 -0.51 -0.39 3.72
C LEU A 40 -0.43 0.99 4.39
N ILE A 41 -1.03 1.13 5.57
CA ILE A 41 -0.93 2.42 6.27
C ILE A 41 0.51 2.69 6.70
N SER A 42 1.18 1.65 7.20
CA SER A 42 2.58 1.83 7.58
C SER A 42 3.44 2.22 6.38
N ASN A 43 3.20 1.56 5.24
CA ASN A 43 3.96 1.91 4.05
C ASN A 43 3.69 3.35 3.62
N ALA A 44 2.43 3.81 3.74
CA ALA A 44 2.09 5.17 3.36
C ALA A 44 2.79 6.15 4.29
N SER A 45 2.80 5.82 5.58
CA SER A 45 3.52 6.63 6.58
C SER A 45 4.98 6.76 6.23
N ASP A 46 5.62 5.63 5.86
CA ASP A 46 7.02 5.65 5.45
C ASP A 46 7.24 6.57 4.25
N ALA A 47 6.34 6.50 3.27
CA ALA A 47 6.47 7.32 2.06
C ALA A 47 6.30 8.79 2.39
N LEU A 48 5.42 9.09 3.33
CA LEU A 48 5.26 10.47 3.78
C LEU A 48 6.48 10.94 4.56
N ASP A 49 7.01 10.10 5.46
CA ASP A 49 8.26 10.43 6.16
C ASP A 49 9.35 10.79 5.14
N LYS A 50 9.45 9.99 4.06
CA LYS A 50 10.53 10.14 3.10
C LYS A 50 10.45 11.49 2.37
N ILE A 51 9.27 11.85 1.87
CA ILE A 51 9.21 13.15 1.20
C ILE A 51 9.36 14.29 2.21
N ARG A 52 8.92 14.10 3.44
CA ARG A 52 9.15 15.15 4.44
C ARG A 52 10.65 15.33 4.70
N LEU A 53 11.40 14.22 4.82
CA LEU A 53 12.85 14.35 4.94
C LEU A 53 13.47 14.98 3.70
N ILE A 54 13.01 14.59 2.51
CA ILE A 54 13.54 15.16 1.27
C ILE A 54 13.28 16.66 1.25
N SER A 55 12.17 17.10 1.85
CA SER A 55 11.84 18.51 1.84
C SER A 55 12.81 19.31 2.69
N LEU A 56 13.52 18.66 3.62
CA LEU A 56 14.57 19.39 4.35
C LEU A 56 15.73 19.76 3.43
N THR A 57 15.92 19.01 2.34
CA THR A 57 17.04 19.25 1.42
C THR A 57 16.64 19.86 0.09
N ASP A 58 15.35 19.88 -0.24
CA ASP A 58 14.91 20.38 -1.54
C ASP A 58 13.68 21.25 -1.31
N GLU A 59 13.83 22.56 -1.55
CA GLU A 59 12.78 23.52 -1.26
C GLU A 59 11.53 23.28 -2.08
N ASN A 60 11.67 22.73 -3.29
CA ASN A 60 10.52 22.49 -4.16
C ASN A 60 9.99 21.06 -4.06
N ALA A 61 10.46 20.28 -3.09
CA ALA A 61 10.07 18.87 -2.98
C ALA A 61 8.56 18.68 -2.92
N LEU A 62 7.81 19.62 -2.31
CA LEU A 62 6.36 19.43 -2.21
C LEU A 62 5.56 20.13 -3.31
N ALA A 63 6.22 20.65 -4.36
CA ALA A 63 5.55 21.55 -5.30
C ALA A 63 4.44 20.85 -6.09
N GLY A 64 4.49 19.52 -6.20
CA GLY A 64 3.47 18.82 -6.96
C GLY A 64 2.21 18.49 -6.18
N ASN A 65 2.26 18.61 -4.85
CA ASN A 65 1.10 18.37 -4.00
C ASN A 65 1.45 18.85 -2.60
N GLU A 66 0.81 19.92 -2.12
CA GLU A 66 1.31 20.52 -0.88
C GLU A 66 0.88 19.79 0.39
N GLU A 67 -0.03 18.83 0.33
CA GLU A 67 -0.51 18.14 1.53
C GLU A 67 0.37 16.93 1.86
N LEU A 68 0.33 16.52 3.13
CA LEU A 68 1.01 15.31 3.63
C LEU A 68 -0.06 14.52 4.40
N THR A 69 -0.79 13.65 3.67
CA THR A 69 -1.94 12.96 4.22
C THR A 69 -2.00 11.53 3.71
N VAL A 70 -2.77 10.71 4.44
CA VAL A 70 -3.30 9.43 3.95
C VAL A 70 -4.82 9.51 3.87
N LYS A 71 -5.38 9.08 2.75
CA LYS A 71 -6.81 9.20 2.49
C LYS A 71 -7.33 7.87 1.98
N ILE A 72 -8.34 7.33 2.67
CA ILE A 72 -8.88 6.01 2.36
C ILE A 72 -10.33 6.16 1.93
N LYS A 73 -10.68 5.49 0.83
CA LYS A 73 -12.02 5.53 0.28
C LYS A 73 -12.51 4.12 -0.01
N CYS A 74 -13.78 3.85 0.31
CA CYS A 74 -14.42 2.59 -0.06
C CYS A 74 -15.35 2.84 -1.23
N ASP A 75 -15.24 2.05 -2.28
CA ASP A 75 -16.20 2.15 -3.39
C ASP A 75 -16.96 0.84 -3.42
N LYS A 76 -18.04 0.76 -2.62
CA LYS A 76 -18.78 -0.49 -2.52
C LYS A 76 -19.36 -0.88 -3.87
N GLU A 77 -19.80 0.11 -4.65
CA GLU A 77 -20.44 -0.18 -5.93
C GLU A 77 -19.45 -0.76 -6.94
N LYS A 78 -18.18 -0.33 -6.90
CA LYS A 78 -17.16 -0.87 -7.80
C LYS A 78 -16.32 -1.96 -7.18
N ASN A 79 -16.60 -2.33 -5.92
CA ASN A 79 -15.87 -3.39 -5.26
C ASN A 79 -14.41 -3.02 -4.97
N LEU A 80 -14.15 -1.74 -4.72
CA LEU A 80 -12.78 -1.23 -4.55
C LEU A 80 -12.53 -0.60 -3.20
N LEU A 81 -11.30 -0.78 -2.70
CA LEU A 81 -10.80 -0.03 -1.55
C LEU A 81 -9.55 0.73 -2.00
N HIS A 82 -9.46 2.03 -1.71
CA HIS A 82 -8.31 2.84 -2.13
C HIS A 82 -7.61 3.36 -0.89
N VAL A 83 -6.28 3.27 -0.87
CA VAL A 83 -5.45 3.87 0.17
C VAL A 83 -4.49 4.81 -0.53
N THR A 84 -4.67 6.11 -0.34
CA THR A 84 -3.90 7.10 -1.10
C THR A 84 -3.05 7.89 -0.12
N ASP A 85 -1.76 8.00 -0.43
CA ASP A 85 -0.88 8.91 0.30
C ASP A 85 -0.30 9.94 -0.65
N THR A 86 0.12 11.08 -0.07
CA THR A 86 0.86 12.09 -0.81
C THR A 86 2.33 12.07 -0.44
N GLY A 87 2.86 10.86 -0.24
CA GLY A 87 4.26 10.65 0.08
C GLY A 87 5.15 10.76 -1.15
N VAL A 88 6.33 10.12 -1.07
CA VAL A 88 7.34 10.33 -2.09
C VAL A 88 6.93 9.75 -3.45
N GLY A 89 6.06 8.75 -3.46
CA GLY A 89 5.75 8.10 -4.71
C GLY A 89 6.89 7.20 -5.21
N MET A 90 6.62 6.58 -6.35
CA MET A 90 7.56 5.67 -7.01
C MET A 90 7.66 5.99 -8.49
N THR A 91 8.88 5.98 -9.02
CA THR A 91 9.10 6.03 -10.46
C THR A 91 8.71 4.71 -11.10
N ARG A 92 8.64 4.71 -12.43
CA ARG A 92 8.36 3.45 -13.13
C ARG A 92 9.35 2.36 -12.72
N GLU A 93 10.66 2.70 -12.71
CA GLU A 93 11.68 1.71 -12.35
C GLU A 93 11.47 1.20 -10.94
N GLU A 94 11.08 2.06 -10.00
CA GLU A 94 10.85 1.62 -8.63
C GLU A 94 9.61 0.72 -8.54
N LEU A 95 8.55 1.01 -9.30
CA LEU A 95 7.41 0.09 -9.28
C LEU A 95 7.84 -1.30 -9.69
N VAL A 96 8.64 -1.39 -10.76
CA VAL A 96 9.09 -2.70 -11.23
C VAL A 96 9.99 -3.36 -10.19
N LYS A 97 11.05 -2.66 -9.75
CA LYS A 97 12.05 -3.29 -8.89
C LYS A 97 11.54 -3.47 -7.46
N ASN A 98 10.91 -2.43 -6.90
CA ASN A 98 10.58 -2.49 -5.47
C ASN A 98 9.49 -3.51 -5.20
N LEU A 99 8.54 -3.67 -6.14
CA LEU A 99 7.42 -4.59 -5.90
C LEU A 99 7.66 -5.96 -6.54
N GLY A 100 8.49 -6.01 -7.56
CA GLY A 100 8.65 -7.24 -8.34
C GLY A 100 9.91 -8.05 -8.03
N THR A 101 10.87 -7.48 -7.29
CA THR A 101 12.13 -8.15 -6.97
C THR A 101 12.46 -7.95 -5.50
N ILE A 102 13.50 -8.67 -5.07
CA ILE A 102 14.13 -8.47 -3.77
C ILE A 102 15.04 -7.26 -3.97
N ALA A 103 14.57 -6.08 -3.60
CA ALA A 103 15.27 -4.88 -4.03
C ALA A 103 16.21 -4.34 -2.97
N LYS A 104 15.89 -4.57 -1.69
CA LYS A 104 16.66 -4.08 -0.56
C LYS A 104 17.29 -5.25 0.18
N SER A 105 18.48 -5.01 0.75
CA SER A 105 19.15 -6.06 1.52
C SER A 105 18.32 -6.49 2.72
N GLY A 106 17.52 -5.57 3.28
CA GLY A 106 16.63 -5.93 4.36
C GLY A 106 15.62 -7.01 3.97
N THR A 107 15.17 -7.00 2.71
CA THR A 107 14.19 -8.00 2.28
C THR A 107 14.78 -9.40 2.32
N SER A 108 16.04 -9.55 1.89
CA SER A 108 16.70 -10.84 2.00
C SER A 108 16.82 -11.31 3.46
N GLU A 109 17.15 -10.38 4.38
CA GLU A 109 17.20 -10.73 5.79
C GLU A 109 15.82 -11.16 6.29
N PHE A 110 14.78 -10.41 5.90
CA PHE A 110 13.42 -10.80 6.29
C PHE A 110 13.14 -12.24 5.91
N LEU A 111 13.54 -12.66 4.72
CA LEU A 111 13.19 -14.00 4.26
C LEU A 111 13.84 -15.07 5.13
N ASN A 112 15.10 -14.87 5.50
CA ASN A 112 15.75 -15.86 6.34
C ASN A 112 15.16 -15.85 7.73
N LYS A 113 14.87 -14.67 8.27
CA LYS A 113 14.31 -14.61 9.62
C LYS A 113 12.91 -15.19 9.66
N MET A 114 12.13 -14.92 8.61
CA MET A 114 10.76 -15.42 8.49
C MET A 114 10.75 -16.95 8.46
N THR A 115 11.59 -17.54 7.61
CA THR A 115 11.60 -18.99 7.50
C THR A 115 12.00 -19.64 8.80
N GLU A 116 13.01 -19.11 9.48
CA GLU A 116 13.42 -19.62 10.78
C GLU A 116 12.27 -19.55 11.78
N ALA A 117 11.63 -18.39 11.91
CA ALA A 117 10.54 -18.23 12.85
C ALA A 117 9.40 -19.22 12.57
N GLN A 118 9.00 -19.34 11.29
CA GLN A 118 7.83 -20.16 10.94
C GLN A 118 8.08 -21.63 11.23
N GLU A 119 9.33 -22.07 11.17
CA GLU A 119 9.63 -23.45 11.52
C GLU A 119 9.89 -23.63 13.01
N ASP A 120 10.13 -22.55 13.75
CA ASP A 120 10.40 -22.64 15.18
C ASP A 120 9.27 -22.13 16.07
N GLY A 121 8.16 -21.67 15.50
CA GLY A 121 7.06 -21.19 16.32
C GLY A 121 7.25 -19.84 17.01
N GLN A 122 8.15 -18.99 16.52
CA GLN A 122 8.20 -17.59 16.93
C GLN A 122 7.16 -16.80 16.16
N SER A 123 6.58 -15.78 16.81
CA SER A 123 5.59 -14.93 16.13
C SER A 123 6.19 -14.24 14.91
N THR A 124 5.39 -14.12 13.84
CA THR A 124 5.91 -13.59 12.58
C THR A 124 5.31 -12.28 12.12
N SER A 125 4.14 -11.86 12.62
CA SER A 125 3.61 -10.59 12.10
C SER A 125 4.51 -9.43 12.46
N GLU A 126 5.21 -9.52 13.60
CA GLU A 126 6.14 -8.45 13.96
C GLU A 126 7.27 -8.36 12.96
N LEU A 127 7.71 -9.51 12.41
CA LEU A 127 8.76 -9.47 11.41
C LEU A 127 8.30 -8.78 10.14
N ILE A 128 7.07 -9.09 9.71
CA ILE A 128 6.53 -8.48 8.51
C ILE A 128 6.50 -6.97 8.68
N GLY A 129 6.04 -6.49 9.85
CA GLY A 129 5.99 -5.06 10.09
C GLY A 129 7.37 -4.44 10.20
N GLN A 130 8.30 -5.12 10.89
CA GLN A 130 9.65 -4.58 11.13
C GLN A 130 10.41 -4.37 9.82
N PHE A 131 10.32 -5.32 8.90
CA PHE A 131 11.02 -5.23 7.63
C PHE A 131 10.20 -4.59 6.52
N GLY A 132 9.00 -4.12 6.83
CA GLY A 132 8.20 -3.35 5.87
C GLY A 132 7.87 -4.12 4.60
N VAL A 133 7.55 -5.40 4.71
CA VAL A 133 7.26 -6.25 3.54
C VAL A 133 5.76 -6.58 3.44
N GLY A 134 4.93 -5.87 4.20
CA GLY A 134 3.52 -6.24 4.28
C GLY A 134 2.67 -5.90 3.05
N PHE A 135 3.22 -5.19 2.05
CA PHE A 135 2.45 -4.93 0.83
C PHE A 135 1.79 -6.21 0.30
N TYR A 136 2.52 -7.32 0.27
CA TYR A 136 1.98 -8.54 -0.33
C TYR A 136 0.81 -9.13 0.45
N SER A 137 0.61 -8.73 1.71
CA SER A 137 -0.53 -9.29 2.40
C SER A 137 -1.85 -8.77 1.84
N ALA A 138 -1.83 -7.74 1.01
CA ALA A 138 -3.04 -7.31 0.32
C ALA A 138 -3.70 -8.45 -0.46
N PHE A 139 -2.93 -9.44 -0.92
CA PHE A 139 -3.53 -10.54 -1.67
C PHE A 139 -4.33 -11.47 -0.80
N LEU A 140 -4.29 -11.31 0.55
CA LEU A 140 -5.22 -12.05 1.38
C LEU A 140 -6.66 -11.61 1.17
N VAL A 141 -6.87 -10.36 0.79
CA VAL A 141 -8.23 -9.83 0.66
C VAL A 141 -8.56 -9.40 -0.76
N ALA A 142 -7.60 -9.39 -1.68
CA ALA A 142 -7.83 -8.81 -2.99
C ALA A 142 -7.46 -9.80 -4.08
N ASP A 143 -8.32 -9.88 -5.09
CA ASP A 143 -8.00 -10.63 -6.29
C ASP A 143 -7.05 -9.89 -7.24
N LYS A 144 -6.98 -8.57 -7.12
CA LYS A 144 -6.10 -7.74 -7.94
C LYS A 144 -5.68 -6.56 -7.09
N VAL A 145 -4.41 -6.22 -7.19
CA VAL A 145 -3.83 -5.05 -6.51
C VAL A 145 -3.32 -4.11 -7.58
N ILE A 146 -3.72 -2.83 -7.51
CA ILE A 146 -3.32 -1.83 -8.48
C ILE A 146 -2.59 -0.73 -7.71
N VAL A 147 -1.43 -0.32 -8.20
CA VAL A 147 -0.66 0.75 -7.54
C VAL A 147 -0.51 1.86 -8.57
N THR A 148 -1.12 3.01 -8.30
CA THR A 148 -0.93 4.20 -9.14
C THR A 148 0.03 5.12 -8.40
N SER A 149 1.07 5.62 -9.08
CA SER A 149 2.10 6.35 -8.34
C SER A 149 2.72 7.45 -9.19
N LYS A 150 3.01 8.55 -8.52
CA LYS A 150 3.64 9.73 -9.13
C LYS A 150 4.77 10.19 -8.22
N HIS A 151 5.99 10.12 -8.74
CA HIS A 151 7.22 10.54 -8.08
C HIS A 151 7.66 11.82 -8.77
N ASN A 152 8.33 12.71 -8.02
CA ASN A 152 8.79 13.97 -8.62
C ASN A 152 9.68 13.76 -9.85
N ASN A 153 10.39 12.64 -9.93
CA ASN A 153 11.33 12.40 -11.02
C ASN A 153 10.77 11.56 -12.16
N ASP A 154 9.45 11.29 -12.19
CA ASP A 154 8.87 10.54 -13.29
C ASP A 154 7.43 10.98 -13.53
N THR A 155 6.86 10.49 -14.63
CA THR A 155 5.44 10.64 -14.88
C THR A 155 4.68 9.57 -14.11
N GLN A 156 3.36 9.76 -14.05
CA GLN A 156 2.50 8.85 -13.29
C GLN A 156 2.39 7.51 -14.01
N HIS A 157 2.47 6.41 -13.24
CA HIS A 157 2.45 5.06 -13.78
C HIS A 157 1.50 4.21 -12.95
N ILE A 158 1.04 3.11 -13.56
CA ILE A 158 0.17 2.12 -12.92
C ILE A 158 0.84 0.75 -12.95
N TRP A 159 0.95 0.14 -11.78
CA TRP A 159 1.36 -1.26 -11.61
C TRP A 159 0.13 -2.08 -11.26
N GLU A 160 0.00 -3.27 -11.85
CA GLU A 160 -1.18 -4.08 -11.50
C GLU A 160 -0.80 -5.55 -11.50
N SER A 161 -1.43 -6.31 -10.60
CA SER A 161 -1.07 -7.71 -10.46
C SER A 161 -2.21 -8.51 -9.81
N ASP A 162 -2.39 -9.75 -10.27
CA ASP A 162 -3.22 -10.71 -9.56
C ASP A 162 -2.40 -11.72 -8.78
N SER A 163 -1.11 -11.45 -8.59
CA SER A 163 -0.07 -12.25 -7.94
C SER A 163 0.60 -13.21 -8.92
N ASN A 164 0.08 -13.41 -10.12
CA ASN A 164 0.62 -14.41 -11.03
C ASN A 164 1.57 -13.86 -12.08
N GLU A 165 1.75 -12.55 -12.08
CA GLU A 165 2.53 -11.72 -13.00
C GLU A 165 2.20 -10.30 -12.61
N PHE A 166 2.91 -9.32 -13.14
CA PHE A 166 2.47 -7.94 -12.97
C PHE A 166 2.78 -7.16 -14.23
N SER A 167 2.10 -6.03 -14.39
CA SER A 167 2.44 -5.17 -15.52
C SER A 167 2.57 -3.73 -15.03
N VAL A 168 3.29 -2.92 -15.80
CA VAL A 168 3.48 -1.50 -15.48
C VAL A 168 3.22 -0.73 -16.76
N ILE A 169 2.33 0.25 -16.69
CA ILE A 169 2.04 1.07 -17.86
C ILE A 169 2.10 2.54 -17.46
N ALA A 170 2.44 3.39 -18.42
CA ALA A 170 2.28 4.82 -18.14
C ALA A 170 0.79 5.09 -17.94
N ASP A 171 0.46 5.93 -16.96
CA ASP A 171 -0.94 6.21 -16.68
C ASP A 171 -1.50 7.11 -17.79
N PRO A 172 -2.51 6.67 -18.54
CA PRO A 172 -3.06 7.54 -19.60
C PRO A 172 -3.83 8.73 -19.08
N ARG A 173 -4.20 8.74 -17.81
CA ARG A 173 -4.84 9.91 -17.22
C ARG A 173 -3.85 11.05 -16.96
N GLY A 174 -2.55 10.84 -17.16
CA GLY A 174 -1.55 11.83 -16.78
C GLY A 174 -1.33 11.96 -15.28
N ASN A 175 -0.84 13.13 -14.88
CA ASN A 175 -0.49 13.38 -13.49
C ASN A 175 -1.73 13.81 -12.73
N THR A 176 -2.47 12.84 -12.19
CA THR A 176 -3.65 13.15 -11.40
C THR A 176 -3.38 13.14 -9.90
N LEU A 177 -2.30 12.49 -9.47
CA LEU A 177 -1.98 12.46 -8.05
C LEU A 177 -1.19 13.65 -7.59
N GLY A 178 -0.45 14.31 -8.49
CA GLY A 178 0.42 15.43 -8.12
C GLY A 178 1.73 14.88 -7.61
N ARG A 179 1.61 14.07 -6.55
CA ARG A 179 2.71 13.30 -5.97
C ARG A 179 2.08 12.30 -5.00
N GLY A 180 2.56 11.06 -5.05
CA GLY A 180 2.16 10.10 -4.04
C GLY A 180 1.69 8.84 -4.70
N THR A 181 0.95 8.04 -3.93
CA THR A 181 0.61 6.67 -4.36
C THR A 181 -0.80 6.31 -3.92
N THR A 182 -1.55 5.65 -4.80
CA THR A 182 -2.81 5.01 -4.42
C THR A 182 -2.64 3.50 -4.53
N ILE A 183 -3.00 2.79 -3.48
CA ILE A 183 -3.15 1.34 -3.55
C ILE A 183 -4.63 1.08 -3.73
N THR A 184 -5.01 0.47 -4.83
CA THR A 184 -6.41 0.11 -5.09
C THR A 184 -6.53 -1.40 -5.01
N LEU A 185 -7.40 -1.88 -4.14
CA LEU A 185 -7.64 -3.31 -3.98
C LEU A 185 -8.97 -3.68 -4.62
N VAL A 186 -8.94 -4.66 -5.51
CA VAL A 186 -10.18 -5.24 -6.04
C VAL A 186 -10.52 -6.40 -5.13
N LEU A 187 -11.48 -6.19 -4.22
CA LEU A 187 -11.65 -7.14 -3.14
C LEU A 187 -12.27 -8.47 -3.57
N LYS A 188 -11.81 -9.54 -2.92
CA LYS A 188 -12.45 -10.84 -3.01
C LYS A 188 -13.89 -10.76 -2.55
N GLU A 189 -14.72 -11.64 -3.12
CA GLU A 189 -16.11 -11.73 -2.68
C GLU A 189 -16.20 -11.91 -1.18
N GLU A 190 -15.33 -12.77 -0.63
CA GLU A 190 -15.34 -13.05 0.80
C GLU A 190 -14.86 -11.87 1.64
N ALA A 191 -14.30 -10.82 1.03
CA ALA A 191 -13.74 -9.69 1.75
C ALA A 191 -14.60 -8.44 1.66
N SER A 192 -15.88 -8.58 1.33
CA SER A 192 -16.71 -7.40 1.07
C SER A 192 -16.95 -6.54 2.31
N ASP A 193 -16.74 -7.10 3.51
CA ASP A 193 -16.86 -6.33 4.74
C ASP A 193 -15.90 -5.15 4.76
N TYR A 194 -14.77 -5.26 4.05
CA TYR A 194 -13.83 -4.14 4.01
C TYR A 194 -14.33 -2.98 3.15
N LEU A 195 -15.49 -3.10 2.50
CA LEU A 195 -16.13 -1.98 1.84
C LEU A 195 -17.06 -1.21 2.77
N GLU A 196 -17.27 -1.71 3.99
CA GLU A 196 -18.21 -1.08 4.93
C GLU A 196 -17.50 -0.02 5.74
N LEU A 197 -18.10 1.18 5.79
CA LEU A 197 -17.47 2.32 6.44
C LEU A 197 -17.19 2.05 7.91
N ASP A 198 -18.08 1.32 8.58
CA ASP A 198 -17.86 1.11 10.01
C ASP A 198 -16.68 0.16 10.24
N THR A 199 -16.55 -0.87 9.40
CA THR A 199 -15.39 -1.76 9.49
C THR A 199 -14.11 -1.00 9.23
N ILE A 200 -14.09 -0.22 8.14
CA ILE A 200 -12.87 0.46 7.74
C ILE A 200 -12.51 1.57 8.72
N LYS A 201 -13.50 2.31 9.23
CA LYS A 201 -13.15 3.36 10.17
C LYS A 201 -12.50 2.78 11.43
N ASN A 202 -13.04 1.68 11.93
CA ASN A 202 -12.47 1.07 13.14
C ASN A 202 -11.05 0.57 12.89
N LEU A 203 -10.82 -0.07 11.75
CA LEU A 203 -9.49 -0.58 11.47
C LEU A 203 -8.51 0.56 11.22
N VAL A 204 -8.93 1.59 10.48
CA VAL A 204 -8.04 2.71 10.22
C VAL A 204 -7.65 3.40 11.52
N LYS A 205 -8.62 3.56 12.43
CA LYS A 205 -8.32 4.14 13.74
C LYS A 205 -7.36 3.26 14.53
N LYS A 206 -7.62 1.97 14.58
CA LYS A 206 -6.52 1.10 14.92
C LYS A 206 -5.45 1.30 13.85
N TYR A 207 -4.23 0.89 14.13
CA TYR A 207 -3.23 1.00 13.05
C TYR A 207 -2.79 2.43 12.68
N SER A 208 -3.49 3.49 13.11
CA SER A 208 -3.05 4.82 12.69
C SER A 208 -2.60 5.74 13.83
N GLN A 209 -2.53 5.25 15.05
CA GLN A 209 -2.24 6.16 16.16
C GLN A 209 -0.78 6.58 16.22
N PHE A 210 0.11 5.96 15.44
CA PHE A 210 1.54 6.24 15.50
C PHE A 210 2.06 6.98 14.28
N ILE A 211 1.23 7.18 13.27
CA ILE A 211 1.67 7.85 12.06
C ILE A 211 1.88 9.33 12.36
N ASN A 212 2.90 9.92 11.78
CA ASN A 212 3.09 11.34 12.01
C ASN A 212 2.34 12.20 11.02
N PHE A 213 1.29 11.66 10.41
CA PHE A 213 0.50 12.37 9.42
C PHE A 213 -0.98 12.09 9.66
N PRO A 214 -1.84 13.02 9.31
CA PRO A 214 -3.28 12.78 9.47
C PRO A 214 -3.78 11.73 8.49
N ILE A 215 -4.67 10.84 8.96
CA ILE A 215 -5.28 9.84 8.11
C ILE A 215 -6.79 10.06 8.10
N TYR A 216 -7.37 10.09 6.91
CA TYR A 216 -8.78 10.38 6.72
C TYR A 216 -9.49 9.20 6.06
N VAL A 217 -10.79 9.07 6.34
CA VAL A 217 -11.68 8.16 5.63
C VAL A 217 -12.80 9.00 5.02
N TRP A 218 -13.08 8.77 3.74
CA TRP A 218 -14.21 9.38 3.08
C TRP A 218 -15.48 8.78 3.67
N SER A 219 -16.24 9.56 4.44
CA SER A 219 -17.37 8.96 5.12
C SER A 219 -18.60 9.83 4.97
N SER A 220 -19.75 9.24 5.28
CA SER A 220 -21.04 9.87 5.14
C SER A 220 -21.69 10.04 6.50
N LYS A 221 -22.54 11.05 6.63
CA LYS A 221 -23.20 11.32 7.90
C LYS A 221 -24.66 10.85 7.89
N THR A 222 -25.47 11.41 6.99
CA THR A 222 -26.89 11.07 6.92
C THR A 222 -27.60 11.29 8.27
N LYS A 264 -31.03 12.86 3.11
CA LYS A 264 -29.97 13.75 3.57
C LYS A 264 -28.65 12.99 3.77
N THR A 265 -27.61 13.37 3.01
CA THR A 265 -26.31 12.70 3.14
C THR A 265 -25.22 13.71 2.84
N VAL A 266 -24.29 13.90 3.77
CA VAL A 266 -23.10 14.71 3.50
C VAL A 266 -21.87 13.79 3.58
N TRP A 267 -21.05 13.84 2.54
CA TRP A 267 -19.81 13.09 2.47
C TRP A 267 -18.64 14.06 2.67
N ASP A 268 -17.66 13.63 3.45
CA ASP A 268 -16.46 14.42 3.65
C ASP A 268 -15.37 13.53 4.25
N TRP A 269 -14.17 14.09 4.31
CA TRP A 269 -13.03 13.41 4.90
C TRP A 269 -13.13 13.47 6.42
N GLU A 270 -13.16 12.31 7.06
CA GLU A 270 -13.24 12.24 8.51
C GLU A 270 -11.86 11.88 9.05
N LEU A 271 -11.30 12.76 9.88
CA LEU A 271 -10.00 12.51 10.45
C LEU A 271 -10.07 11.34 11.44
N MET A 272 -9.23 10.32 11.25
CA MET A 272 -9.26 9.16 12.13
C MET A 272 -8.19 9.21 13.20
N ASN A 273 -7.34 10.24 13.13
CA ASN A 273 -6.12 10.49 13.88
C ASN A 273 -4.90 10.14 13.03
#